data_2EG9
#
_entry.id   2EG9
#
_cell.length_a   59.072
_cell.length_b   176.815
_cell.length_c   44.573
_cell.angle_alpha   90.00
_cell.angle_beta   90.00
_cell.angle_gamma   90.00
#
_symmetry.space_group_name_H-M   'P 21 21 2'
#
loop_
_entity.id
_entity.type
_entity.pdbx_description
1 polymer 'ADP-ribosyl cyclase 1'
2 water water
#
_entity_poly.entity_id   1
_entity_poly.type   'polypeptide(L)'
_entity_poly.pdbx_seq_one_letter_code
;RAMDYKDDDDKLRSLLVWTGEPTTKHFSDIFLGRCLIYTQILRPEMRDQNCQEILSTFKGAFVSKNPCDITREDYAPLVK
LVTQTIPCDKTLFWSKSKHLAHQYTWIQGKMFTLEDTLLGYIADDLRWCGDPSTSDMNYVSCPHWSENCPNNPITMFWKV
ISQKFAEDACGVVQVMLDGSLREPFYKDSTFGSVEVFSLDPNKVHKLQAWVMHDIEGASSNACSSSSLNELKMIVQKRNM
IFACVDNYRPARF
;
_entity_poly.pdbx_strand_id   A,B
#
# COMPACT_ATOMS: atom_id res chain seq x y z
N LEU A 15 4.29 4.59 -25.41
CA LEU A 15 5.49 3.85 -24.93
C LEU A 15 5.59 2.51 -25.66
N LEU A 16 6.23 1.53 -25.02
CA LEU A 16 6.37 0.21 -25.62
C LEU A 16 5.08 -0.54 -25.34
N VAL A 17 4.43 -1.04 -26.39
CA VAL A 17 3.19 -1.76 -26.22
C VAL A 17 3.47 -3.19 -25.75
N TRP A 18 2.72 -3.64 -24.76
CA TRP A 18 2.88 -4.98 -24.21
C TRP A 18 1.57 -5.73 -24.23
N THR A 19 1.62 -7.02 -23.91
CA THR A 19 0.42 -7.84 -23.88
C THR A 19 0.06 -8.23 -22.44
N GLY A 20 1.04 -8.21 -21.55
CA GLY A 20 0.80 -8.56 -20.16
C GLY A 20 0.23 -7.45 -19.30
N GLU A 21 -0.28 -7.81 -18.12
CA GLU A 21 -0.88 -6.87 -17.19
C GLU A 21 0.07 -5.73 -16.86
N PRO A 22 -0.48 -4.58 -16.43
CA PRO A 22 0.33 -3.41 -16.07
C PRO A 22 0.84 -3.48 -14.62
N THR A 23 1.69 -2.52 -14.26
CA THR A 23 2.22 -2.46 -12.91
C THR A 23 1.05 -2.23 -11.96
N THR A 24 1.02 -3.00 -10.88
CA THR A 24 -0.04 -2.93 -9.90
C THR A 24 -0.35 -1.50 -9.45
N LYS A 25 -1.58 -1.08 -9.70
CA LYS A 25 -2.03 0.26 -9.32
C LYS A 25 -1.69 0.52 -7.85
N HIS A 26 -1.00 1.63 -7.59
CA HIS A 26 -0.59 2.02 -6.24
C HIS A 26 0.64 1.25 -5.73
N PHE A 27 1.48 0.77 -6.64
CA PHE A 27 2.67 0.00 -6.27
C PHE A 27 3.47 0.56 -5.10
N SER A 28 4.07 1.72 -5.30
CA SER A 28 4.90 2.35 -4.27
C SER A 28 4.28 2.34 -2.88
N ASP A 29 2.99 2.64 -2.80
CA ASP A 29 2.29 2.66 -1.53
C ASP A 29 2.18 1.26 -0.97
N ILE A 30 1.70 0.34 -1.80
CA ILE A 30 1.57 -1.04 -1.37
C ILE A 30 2.94 -1.55 -0.93
N PHE A 31 3.98 -1.11 -1.64
CA PHE A 31 5.35 -1.50 -1.37
C PHE A 31 5.77 -1.02 0.03
N LEU A 32 5.87 0.29 0.19
CA LEU A 32 6.28 0.87 1.46
C LEU A 32 5.38 0.39 2.59
N GLY A 33 4.09 0.34 2.33
CA GLY A 33 3.14 -0.10 3.34
C GLY A 33 3.51 -1.47 3.88
N ARG A 34 3.75 -2.43 2.98
CA ARG A 34 4.13 -3.78 3.37
C ARG A 34 5.49 -3.79 4.06
N CYS A 35 6.43 -3.02 3.53
CA CYS A 35 7.76 -2.96 4.10
C CYS A 35 7.73 -2.43 5.53
N LEU A 36 6.86 -1.45 5.78
CA LEU A 36 6.73 -0.88 7.11
C LEU A 36 6.14 -1.89 8.09
N ILE A 37 5.03 -2.50 7.68
CA ILE A 37 4.37 -3.49 8.51
C ILE A 37 5.33 -4.64 8.84
N TYR A 38 6.25 -4.91 7.93
CA TYR A 38 7.21 -6.00 8.13
C TYR A 38 8.31 -5.66 9.13
N THR A 39 9.14 -4.69 8.76
CA THR A 39 10.27 -4.27 9.58
C THR A 39 9.89 -3.64 10.91
N GLN A 40 8.71 -3.03 11.00
CA GLN A 40 8.31 -2.38 12.25
C GLN A 40 7.43 -3.14 13.24
N ILE A 41 6.55 -4.02 12.78
CA ILE A 41 5.72 -4.77 13.72
C ILE A 41 5.89 -6.28 13.62
N LEU A 42 5.77 -6.83 12.42
CA LEU A 42 5.93 -8.27 12.25
C LEU A 42 7.33 -8.74 12.64
N ARG A 43 8.33 -8.13 12.03
CA ARG A 43 9.74 -8.47 12.27
C ARG A 43 10.44 -7.21 12.82
N PRO A 44 10.13 -6.84 14.07
CA PRO A 44 10.70 -5.66 14.75
C PRO A 44 12.23 -5.57 14.83
N GLU A 45 12.92 -6.68 14.68
CA GLU A 45 14.38 -6.66 14.76
C GLU A 45 14.98 -6.02 13.52
N MET A 46 14.13 -5.71 12.55
CA MET A 46 14.57 -5.09 11.29
C MET A 46 14.09 -3.65 11.14
N ARG A 47 13.59 -3.08 12.24
CA ARG A 47 13.10 -1.71 12.26
C ARG A 47 14.08 -0.69 11.68
N ASP A 48 15.37 -0.96 11.81
CA ASP A 48 16.40 -0.06 11.31
C ASP A 48 16.55 -0.06 9.79
N GLN A 49 15.73 -0.86 9.10
CA GLN A 49 15.79 -0.95 7.65
C GLN A 49 15.00 0.22 7.07
N ASN A 50 15.62 1.00 6.19
CA ASN A 50 14.95 2.13 5.58
C ASN A 50 14.16 1.68 4.34
N CYS A 51 12.84 1.63 4.51
CA CYS A 51 11.96 1.22 3.44
C CYS A 51 11.97 2.14 2.20
N GLN A 52 12.20 3.43 2.41
CA GLN A 52 12.26 4.36 1.28
C GLN A 52 13.48 3.97 0.46
N GLU A 53 14.62 3.84 1.14
CA GLU A 53 15.89 3.48 0.51
C GLU A 53 15.74 2.15 -0.21
N ILE A 54 15.08 1.19 0.46
CA ILE A 54 14.87 -0.12 -0.13
C ILE A 54 14.04 -0.01 -1.42
N LEU A 55 13.00 0.82 -1.39
CA LEU A 55 12.14 1.01 -2.57
C LEU A 55 12.90 1.66 -3.73
N SER A 56 13.61 2.74 -3.43
CA SER A 56 14.40 3.43 -4.45
C SER A 56 15.41 2.47 -5.07
N THR A 57 16.19 1.78 -4.23
CA THR A 57 17.18 0.82 -4.69
C THR A 57 16.52 -0.26 -5.56
N PHE A 58 15.22 -0.48 -5.34
CA PHE A 58 14.43 -1.45 -6.10
C PHE A 58 14.12 -0.87 -7.47
N LYS A 59 13.43 0.28 -7.50
CA LYS A 59 13.07 0.96 -8.75
C LYS A 59 14.26 1.18 -9.70
N GLY A 60 15.44 1.38 -9.13
CA GLY A 60 16.62 1.59 -9.96
C GLY A 60 16.95 0.39 -10.83
N ALA A 61 16.58 -0.79 -10.36
CA ALA A 61 16.85 -2.00 -11.12
C ALA A 61 16.17 -2.04 -12.49
N PHE A 62 14.99 -1.43 -12.58
CA PHE A 62 14.24 -1.49 -13.83
C PHE A 62 13.76 -0.17 -14.43
N VAL A 63 13.52 0.84 -13.61
CA VAL A 63 13.03 2.11 -14.15
C VAL A 63 13.94 2.68 -15.23
N SER A 64 13.29 3.23 -16.26
CA SER A 64 13.96 3.82 -17.43
C SER A 64 14.63 2.75 -18.28
N LYS A 65 14.28 1.50 -18.04
CA LYS A 65 14.88 0.40 -18.79
C LYS A 65 13.83 -0.41 -19.54
N ASN A 66 14.29 -1.22 -20.49
CA ASN A 66 13.40 -2.08 -21.26
C ASN A 66 13.01 -3.26 -20.35
N PRO A 67 11.71 -3.43 -20.12
CA PRO A 67 11.16 -4.50 -19.28
C PRO A 67 11.49 -5.92 -19.72
N CYS A 68 12.29 -6.05 -20.77
CA CYS A 68 12.68 -7.38 -21.25
C CYS A 68 14.19 -7.48 -21.31
N ASP A 69 14.87 -6.46 -20.80
CA ASP A 69 16.32 -6.44 -20.78
C ASP A 69 16.87 -6.17 -19.37
N ILE A 70 16.32 -6.89 -18.39
CA ILE A 70 16.73 -6.75 -16.99
C ILE A 70 17.69 -7.87 -16.62
N THR A 71 18.79 -7.52 -15.95
CA THR A 71 19.78 -8.53 -15.57
C THR A 71 19.73 -8.81 -14.06
N ARG A 72 20.42 -9.88 -13.65
CA ARG A 72 20.51 -10.24 -12.23
C ARG A 72 21.25 -9.16 -11.48
N GLU A 73 22.10 -8.40 -12.18
CA GLU A 73 22.89 -7.35 -11.55
C GLU A 73 22.04 -6.14 -11.18
N ASP A 74 20.93 -5.96 -11.86
CA ASP A 74 20.04 -4.84 -11.54
C ASP A 74 19.48 -4.93 -10.12
N TYR A 75 19.39 -6.13 -9.57
CA TYR A 75 18.89 -6.28 -8.21
C TYR A 75 20.00 -6.57 -7.21
N ALA A 76 21.22 -6.71 -7.70
CA ALA A 76 22.36 -6.98 -6.81
C ALA A 76 22.41 -5.99 -5.64
N PRO A 77 22.38 -4.68 -5.92
CA PRO A 77 22.41 -3.69 -4.85
C PRO A 77 21.33 -3.93 -3.80
N LEU A 78 20.12 -4.24 -4.26
CA LEU A 78 18.98 -4.50 -3.39
C LEU A 78 19.34 -5.61 -2.41
N VAL A 79 19.93 -6.67 -2.95
CA VAL A 79 20.39 -7.82 -2.19
C VAL A 79 21.47 -7.43 -1.16
N LYS A 80 22.31 -6.46 -1.52
CA LYS A 80 23.38 -6.01 -0.64
C LYS A 80 22.82 -5.10 0.46
N LEU A 81 21.80 -4.32 0.09
CA LEU A 81 21.17 -3.36 1.00
C LEU A 81 20.44 -4.01 2.16
N VAL A 82 19.61 -5.01 1.88
CA VAL A 82 18.84 -5.67 2.94
C VAL A 82 19.56 -6.71 3.76
N THR A 83 19.56 -6.49 5.07
CA THR A 83 20.18 -7.40 6.03
C THR A 83 19.00 -8.22 6.57
N GLN A 84 18.81 -9.42 6.03
CA GLN A 84 17.68 -10.26 6.43
C GLN A 84 17.89 -11.16 7.64
N THR A 85 16.89 -11.20 8.51
CA THR A 85 16.91 -12.04 9.70
C THR A 85 16.53 -13.45 9.23
N ILE A 86 17.42 -14.42 9.49
CA ILE A 86 17.18 -15.79 9.06
C ILE A 86 17.09 -16.84 10.15
N PRO A 87 15.92 -17.47 10.30
CA PRO A 87 15.76 -18.52 11.32
C PRO A 87 16.51 -19.71 10.72
N CYS A 88 17.37 -20.36 11.49
CA CYS A 88 18.14 -21.47 10.92
C CYS A 88 17.38 -22.69 10.40
N ASP A 89 17.06 -23.63 11.27
CA ASP A 89 16.37 -24.83 10.82
C ASP A 89 14.98 -24.65 10.22
N LYS A 90 14.58 -23.41 9.92
CA LYS A 90 13.26 -23.17 9.38
C LYS A 90 13.14 -22.82 7.90
N THR A 91 14.25 -22.77 7.18
CA THR A 91 14.19 -22.45 5.76
C THR A 91 13.49 -23.56 5.00
N LEU A 92 12.59 -23.19 4.09
CA LEU A 92 11.84 -24.15 3.30
C LEU A 92 11.60 -23.71 1.86
N PHE A 93 12.23 -24.40 0.92
CA PHE A 93 12.06 -24.10 -0.50
C PHE A 93 10.78 -24.79 -0.95
N TRP A 94 10.51 -24.78 -2.26
CA TRP A 94 9.30 -25.39 -2.79
C TRP A 94 9.39 -25.67 -4.28
N PHE A 112 9.56 -20.95 7.33
CA PHE A 112 10.25 -19.75 6.86
C PHE A 112 10.54 -19.86 5.38
N THR A 113 9.57 -19.45 4.56
CA THR A 113 9.72 -19.51 3.12
C THR A 113 10.24 -18.19 2.56
N LEU A 114 10.45 -18.19 1.25
CA LEU A 114 10.94 -17.01 0.54
C LEU A 114 9.93 -15.87 0.69
N GLU A 115 8.64 -16.21 0.67
CA GLU A 115 7.60 -15.20 0.81
C GLU A 115 7.56 -14.66 2.23
N ASP A 116 8.39 -15.22 3.11
CA ASP A 116 8.45 -14.79 4.50
C ASP A 116 9.58 -13.78 4.76
N THR A 117 10.41 -13.56 3.74
CA THR A 117 11.51 -12.61 3.87
C THR A 117 10.94 -11.22 3.58
N LEU A 118 11.67 -10.19 3.96
CA LEU A 118 11.23 -8.81 3.74
C LEU A 118 10.83 -8.57 2.29
N LEU A 119 11.76 -8.84 1.37
CA LEU A 119 11.48 -8.63 -0.04
C LEU A 119 10.35 -9.50 -0.57
N GLY A 120 10.37 -10.78 -0.22
CA GLY A 120 9.35 -11.70 -0.69
C GLY A 120 7.95 -11.34 -0.24
N TYR A 121 7.84 -10.87 0.99
CA TYR A 121 6.56 -10.48 1.56
C TYR A 121 6.03 -9.22 0.89
N ILE A 122 6.96 -8.43 0.34
CA ILE A 122 6.65 -7.19 -0.34
C ILE A 122 6.16 -7.37 -1.78
N ALA A 123 6.98 -7.98 -2.63
CA ALA A 123 6.64 -8.17 -4.03
C ALA A 123 5.64 -9.30 -4.30
N ASP A 124 5.20 -9.97 -3.25
CA ASP A 124 4.26 -11.07 -3.42
C ASP A 124 3.01 -10.64 -4.19
N ASP A 125 2.75 -11.32 -5.30
CA ASP A 125 1.57 -11.06 -6.12
C ASP A 125 1.45 -9.67 -6.75
N LEU A 126 2.56 -8.92 -6.75
CA LEU A 126 2.56 -7.59 -7.34
C LEU A 126 3.20 -7.62 -8.71
N ARG A 127 2.81 -6.66 -9.56
CA ARG A 127 3.38 -6.57 -10.90
C ARG A 127 4.04 -5.21 -11.03
N TRP A 128 5.02 -5.11 -11.92
CA TRP A 128 5.73 -3.87 -12.13
C TRP A 128 6.72 -3.99 -13.27
N CYS A 129 6.95 -2.88 -13.96
CA CYS A 129 7.91 -2.84 -15.05
C CYS A 129 8.15 -1.37 -15.36
N GLY A 130 9.14 -1.12 -16.21
CA GLY A 130 9.44 0.25 -16.55
C GLY A 130 9.26 0.49 -18.02
N ASP A 131 9.91 1.52 -18.52
CA ASP A 131 9.86 1.87 -19.92
C ASP A 131 11.02 2.80 -20.21
N PRO A 132 11.70 2.59 -21.34
CA PRO A 132 12.85 3.40 -21.75
C PRO A 132 12.51 4.88 -21.82
N SER A 133 11.39 5.20 -22.45
CA SER A 133 10.97 6.59 -22.61
C SER A 133 10.36 7.21 -21.38
N THR A 134 10.74 6.71 -20.21
CA THR A 134 10.20 7.25 -18.96
C THR A 134 11.10 6.91 -17.79
N SER A 135 10.84 7.55 -16.65
CA SER A 135 11.59 7.32 -15.43
C SER A 135 10.57 6.97 -14.36
N ASP A 136 9.45 6.42 -14.80
CA ASP A 136 8.36 6.00 -13.92
C ASP A 136 8.08 4.54 -14.24
N MET A 137 7.00 4.01 -13.68
CA MET A 137 6.63 2.62 -13.92
C MET A 137 5.43 2.57 -14.87
N ASN A 138 5.41 1.57 -15.74
CA ASN A 138 4.34 1.42 -16.72
C ASN A 138 3.04 0.93 -16.10
N TYR A 139 2.05 1.82 -16.03
CA TYR A 139 0.75 1.47 -15.47
C TYR A 139 -0.23 1.07 -16.57
N VAL A 140 0.21 1.18 -17.81
CA VAL A 140 -0.62 0.83 -18.95
C VAL A 140 -0.53 -0.67 -19.23
N SER A 141 0.68 -1.19 -19.39
CA SER A 141 0.89 -2.61 -19.65
C SER A 141 2.34 -3.01 -19.43
N CYS A 142 2.55 -4.29 -19.11
CA CYS A 142 3.89 -4.83 -18.89
C CYS A 142 4.03 -6.13 -19.67
N PRO A 143 5.28 -6.58 -19.87
CA PRO A 143 5.55 -7.82 -20.61
C PRO A 143 4.93 -9.05 -19.94
N HIS A 144 5.02 -10.19 -20.61
CA HIS A 144 4.48 -11.43 -20.07
C HIS A 144 5.46 -12.57 -20.29
N CYS A 149 11.05 -12.87 -24.03
CA CYS A 149 11.17 -11.90 -22.96
C CYS A 149 11.18 -12.57 -21.58
N PRO A 150 12.24 -13.34 -21.28
CA PRO A 150 12.38 -14.03 -20.01
C PRO A 150 13.15 -13.19 -18.97
N ASN A 151 13.69 -12.07 -19.42
CA ASN A 151 14.45 -11.19 -18.54
C ASN A 151 13.67 -9.91 -18.21
N ASN A 152 12.54 -10.09 -17.55
CA ASN A 152 11.70 -8.96 -17.17
C ASN A 152 11.83 -8.64 -15.69
N PRO A 153 11.34 -7.45 -15.28
CA PRO A 153 11.41 -7.00 -13.89
C PRO A 153 10.97 -8.05 -12.89
N ILE A 154 9.81 -8.65 -13.13
CA ILE A 154 9.24 -9.64 -12.21
C ILE A 154 10.05 -10.93 -12.10
N THR A 155 10.22 -11.63 -13.22
CA THR A 155 10.97 -12.89 -13.22
C THR A 155 12.37 -12.75 -12.63
N MET A 156 13.08 -11.69 -13.04
CA MET A 156 14.44 -11.47 -12.56
C MET A 156 14.54 -11.21 -11.05
N PHE A 157 13.55 -10.48 -10.52
CA PHE A 157 13.53 -10.16 -9.09
C PHE A 157 13.47 -11.40 -8.22
N TRP A 158 12.52 -12.29 -8.53
CA TRP A 158 12.34 -13.51 -7.76
C TRP A 158 13.52 -14.44 -7.83
N LYS A 159 14.14 -14.54 -9.00
CA LYS A 159 15.30 -15.41 -9.17
C LYS A 159 16.42 -14.99 -8.23
N VAL A 160 16.73 -13.69 -8.26
CA VAL A 160 17.79 -13.13 -7.43
C VAL A 160 17.56 -13.28 -5.93
N ILE A 161 16.37 -12.96 -5.46
CA ILE A 161 16.07 -13.07 -4.04
C ILE A 161 15.97 -14.53 -3.60
N SER A 162 15.85 -15.43 -4.58
CA SER A 162 15.77 -16.85 -4.29
C SER A 162 17.19 -17.32 -4.04
N GLN A 163 18.10 -16.92 -4.91
CA GLN A 163 19.51 -17.28 -4.79
C GLN A 163 20.03 -16.79 -3.44
N LYS A 164 19.79 -15.53 -3.12
CA LYS A 164 20.20 -14.97 -1.85
C LYS A 164 19.65 -15.87 -0.73
N PHE A 165 18.32 -15.96 -0.67
CA PHE A 165 17.60 -16.77 0.32
C PHE A 165 18.31 -18.11 0.57
N ALA A 166 18.76 -18.74 -0.51
CA ALA A 166 19.46 -20.01 -0.41
C ALA A 166 20.77 -19.79 0.33
N GLU A 167 21.54 -18.81 -0.12
CA GLU A 167 22.84 -18.49 0.47
C GLU A 167 22.73 -18.15 1.96
N ASP A 168 21.56 -17.68 2.38
CA ASP A 168 21.34 -17.29 3.77
C ASP A 168 20.86 -18.45 4.63
N ALA A 169 20.45 -19.55 3.99
CA ALA A 169 19.98 -20.72 4.74
C ALA A 169 21.02 -21.16 5.76
N CYS A 170 20.54 -21.68 6.89
CA CYS A 170 21.41 -22.12 7.98
C CYS A 170 20.94 -23.37 8.72
N GLY A 171 21.78 -24.39 8.77
CA GLY A 171 21.44 -25.62 9.47
C GLY A 171 20.78 -26.68 8.60
N VAL A 172 19.50 -26.95 8.86
CA VAL A 172 18.75 -27.94 8.09
C VAL A 172 17.74 -27.25 7.19
N VAL A 173 17.95 -27.36 5.89
CA VAL A 173 17.05 -26.73 4.93
C VAL A 173 16.05 -27.73 4.40
N GLN A 174 14.82 -27.29 4.17
CA GLN A 174 13.79 -28.18 3.65
C GLN A 174 13.43 -27.78 2.22
N VAL A 175 12.60 -28.58 1.59
CA VAL A 175 12.14 -28.33 0.22
C VAL A 175 10.95 -29.25 -0.05
N MET A 176 9.84 -28.64 -0.47
CA MET A 176 8.62 -29.38 -0.77
C MET A 176 8.59 -29.73 -2.26
N LEU A 177 8.42 -31.01 -2.57
CA LEU A 177 8.36 -31.46 -3.96
C LEU A 177 7.01 -32.10 -4.27
N ASP A 178 6.50 -31.82 -5.47
CA ASP A 178 5.23 -32.31 -5.94
C ASP A 178 5.29 -33.81 -6.25
N GLY A 179 4.68 -34.63 -5.39
CA GLY A 179 4.70 -36.06 -5.59
C GLY A 179 3.87 -36.52 -6.78
N SER A 180 3.13 -35.59 -7.38
CA SER A 180 2.27 -35.90 -8.53
C SER A 180 3.13 -36.06 -9.80
N LEU A 181 3.98 -35.06 -10.04
CA LEU A 181 4.88 -35.04 -11.19
C LEU A 181 5.64 -36.34 -11.36
N ARG A 182 6.14 -36.57 -12.58
CA ARG A 182 6.90 -37.77 -12.89
C ARG A 182 8.26 -37.60 -12.23
N GLU A 183 8.91 -36.51 -12.62
CA GLU A 183 10.22 -36.14 -12.14
C GLU A 183 10.03 -34.96 -11.19
N PRO A 184 9.68 -35.24 -9.92
CA PRO A 184 9.46 -34.20 -8.91
C PRO A 184 10.59 -33.19 -8.83
N PHE A 185 11.82 -33.66 -8.99
CA PHE A 185 12.97 -32.77 -8.95
C PHE A 185 13.50 -32.61 -10.36
N TYR A 186 13.69 -31.36 -10.78
CA TYR A 186 14.23 -31.09 -12.10
C TYR A 186 15.12 -29.85 -12.09
N LYS A 187 16.39 -30.04 -12.46
CA LYS A 187 17.38 -28.97 -12.49
C LYS A 187 16.84 -27.70 -13.12
N ASP A 188 16.06 -27.86 -14.19
CA ASP A 188 15.49 -26.74 -14.92
C ASP A 188 14.65 -25.80 -14.07
N SER A 189 14.54 -26.11 -12.79
CA SER A 189 13.78 -25.28 -11.87
C SER A 189 14.78 -24.37 -11.18
N THR A 190 14.29 -23.31 -10.54
CA THR A 190 15.16 -22.38 -9.83
C THR A 190 15.87 -23.16 -8.72
N PHE A 191 15.28 -24.28 -8.33
CA PHE A 191 15.82 -25.10 -7.25
C PHE A 191 17.08 -25.88 -7.65
N GLY A 192 16.96 -26.72 -8.67
CA GLY A 192 18.10 -27.50 -9.12
C GLY A 192 19.08 -26.72 -9.97
N SER A 193 18.66 -25.54 -10.42
CA SER A 193 19.52 -24.70 -11.24
C SER A 193 20.55 -23.98 -10.38
N VAL A 194 20.06 -23.03 -9.57
CA VAL A 194 20.94 -22.25 -8.71
C VAL A 194 20.73 -22.41 -7.20
N GLU A 195 19.48 -22.56 -6.77
CA GLU A 195 19.20 -22.70 -5.35
C GLU A 195 19.94 -23.84 -4.66
N VAL A 196 19.88 -25.04 -5.24
CA VAL A 196 20.54 -26.19 -4.65
C VAL A 196 22.08 -26.04 -4.63
N PHE A 197 22.62 -25.21 -5.54
CA PHE A 197 24.06 -24.99 -5.62
C PHE A 197 24.55 -23.76 -4.87
N SER A 198 23.63 -22.93 -4.39
CA SER A 198 24.02 -21.73 -3.66
C SER A 198 23.92 -21.97 -2.16
N LEU A 199 23.49 -23.17 -1.78
CA LEU A 199 23.39 -23.53 -0.37
C LEU A 199 24.81 -23.64 0.18
N ASP A 200 25.08 -22.97 1.28
CA ASP A 200 26.40 -23.03 1.88
C ASP A 200 26.52 -24.24 2.81
N PRO A 201 27.45 -25.16 2.49
CA PRO A 201 27.64 -26.36 3.33
C PRO A 201 28.14 -26.02 4.75
N ASN A 202 28.89 -24.92 4.87
CA ASN A 202 29.42 -24.53 6.16
C ASN A 202 28.32 -24.18 7.14
N LYS A 203 27.25 -23.57 6.63
CA LYS A 203 26.13 -23.18 7.48
C LYS A 203 25.02 -24.23 7.45
N VAL A 204 24.75 -24.77 6.27
CA VAL A 204 23.72 -25.78 6.08
C VAL A 204 24.38 -27.15 5.99
N HIS A 205 24.08 -28.03 6.94
CA HIS A 205 24.68 -29.37 6.96
C HIS A 205 23.76 -30.47 6.47
N LYS A 206 22.50 -30.14 6.20
CA LYS A 206 21.54 -31.15 5.74
C LYS A 206 20.39 -30.61 4.89
N LEU A 207 20.11 -31.30 3.78
CA LEU A 207 18.98 -30.93 2.93
C LEU A 207 17.93 -32.01 3.10
N GLN A 208 16.69 -31.59 3.27
CA GLN A 208 15.58 -32.53 3.47
C GLN A 208 14.46 -32.32 2.47
N ALA A 209 14.33 -33.24 1.52
CA ALA A 209 13.29 -33.15 0.49
C ALA A 209 11.96 -33.77 0.90
N TRP A 210 10.88 -32.99 0.78
CA TRP A 210 9.54 -33.46 1.12
C TRP A 210 8.74 -33.71 -0.14
N VAL A 211 8.51 -34.98 -0.47
CA VAL A 211 7.74 -35.35 -1.66
C VAL A 211 6.26 -35.48 -1.31
N MET A 212 5.47 -34.43 -1.58
CA MET A 212 4.03 -34.41 -1.27
C MET A 212 3.16 -35.25 -2.21
N HIS A 213 2.20 -35.97 -1.63
CA HIS A 213 1.29 -36.83 -2.40
C HIS A 213 -0.18 -36.61 -2.03
N ASP A 214 -1.07 -37.09 -2.90
CA ASP A 214 -2.50 -36.98 -2.67
C ASP A 214 -3.09 -38.34 -2.30
N ILE A 215 -4.09 -38.32 -1.42
CA ILE A 215 -4.74 -39.54 -1.01
C ILE A 215 -5.34 -40.17 -2.26
N GLU A 216 -5.80 -39.32 -3.18
CA GLU A 216 -6.35 -39.83 -4.44
C GLU A 216 -5.16 -40.12 -5.33
N GLY A 217 -4.97 -41.39 -5.68
CA GLY A 217 -3.84 -41.75 -6.52
C GLY A 217 -2.87 -42.59 -5.73
N ALA A 218 -2.43 -43.69 -6.32
CA ALA A 218 -1.49 -44.59 -5.67
C ALA A 218 -0.07 -44.05 -5.77
N SER A 219 0.08 -42.75 -5.54
CA SER A 219 1.38 -42.09 -5.59
C SER A 219 2.47 -42.99 -5.01
N SER A 220 3.25 -43.60 -5.89
CA SER A 220 4.33 -44.49 -5.44
C SER A 220 5.42 -43.64 -4.80
N ASN A 221 6.33 -44.28 -4.08
CA ASN A 221 7.43 -43.59 -3.41
C ASN A 221 8.38 -42.94 -4.41
N ALA A 222 8.18 -41.66 -4.68
CA ALA A 222 9.03 -40.94 -5.63
C ALA A 222 10.43 -40.70 -5.10
N CYS A 223 10.64 -40.92 -3.80
CA CYS A 223 11.95 -40.71 -3.21
C CYS A 223 12.98 -41.70 -3.76
N SER A 224 12.50 -42.74 -4.43
CA SER A 224 13.39 -43.74 -4.98
C SER A 224 13.60 -43.57 -6.47
N SER A 225 12.96 -42.56 -7.06
CA SER A 225 13.09 -42.30 -8.49
C SER A 225 14.43 -41.63 -8.79
N SER A 226 14.67 -41.31 -10.06
CA SER A 226 15.92 -40.66 -10.47
C SER A 226 16.05 -39.21 -10.04
N SER A 227 15.06 -38.40 -10.38
CA SER A 227 15.07 -36.99 -10.03
C SER A 227 15.56 -36.77 -8.60
N LEU A 228 15.02 -37.55 -7.66
CA LEU A 228 15.40 -37.45 -6.26
C LEU A 228 16.75 -38.13 -5.98
N ASN A 229 17.14 -39.04 -6.85
CA ASN A 229 18.43 -39.71 -6.69
C ASN A 229 19.52 -38.78 -7.20
N GLU A 230 19.17 -37.92 -8.15
CA GLU A 230 20.10 -36.96 -8.70
C GLU A 230 20.24 -35.81 -7.70
N LEU A 231 19.10 -35.22 -7.34
CA LEU A 231 19.08 -34.13 -6.38
C LEU A 231 19.87 -34.60 -5.17
N LYS A 232 19.81 -35.91 -4.94
CA LYS A 232 20.49 -36.60 -3.83
C LYS A 232 22.01 -36.57 -3.98
N MET A 233 22.49 -37.02 -5.14
CA MET A 233 23.91 -37.04 -5.41
C MET A 233 24.47 -35.63 -5.34
N ILE A 234 23.76 -34.69 -5.96
CA ILE A 234 24.17 -33.30 -5.95
C ILE A 234 24.49 -32.84 -4.53
N VAL A 235 23.52 -33.00 -3.64
CA VAL A 235 23.66 -32.62 -2.23
C VAL A 235 24.81 -33.36 -1.55
N GLN A 236 24.87 -34.68 -1.76
CA GLN A 236 25.95 -35.46 -1.17
C GLN A 236 27.29 -34.98 -1.72
N LYS A 237 27.40 -34.95 -3.05
CA LYS A 237 28.63 -34.49 -3.71
C LYS A 237 29.09 -33.14 -3.16
N ARG A 238 28.22 -32.46 -2.40
CA ARG A 238 28.54 -31.17 -1.83
C ARG A 238 28.70 -31.24 -0.31
N ASN A 239 29.12 -32.41 0.18
CA ASN A 239 29.33 -32.63 1.61
C ASN A 239 28.15 -32.22 2.48
N MET A 240 26.96 -32.69 2.11
CA MET A 240 25.75 -32.41 2.86
C MET A 240 24.98 -33.72 2.95
N ILE A 241 24.25 -33.92 4.05
CA ILE A 241 23.46 -35.13 4.20
C ILE A 241 22.13 -34.89 3.50
N PHE A 242 21.60 -35.93 2.85
CA PHE A 242 20.32 -35.81 2.16
C PHE A 242 19.31 -36.76 2.72
N ALA A 243 18.10 -36.25 2.96
CA ALA A 243 17.02 -37.06 3.48
C ALA A 243 15.82 -36.83 2.57
N CYS A 244 15.01 -37.87 2.38
CA CYS A 244 13.83 -37.76 1.54
C CYS A 244 12.68 -38.47 2.24
N VAL A 245 11.47 -37.95 2.06
CA VAL A 245 10.28 -38.54 2.68
C VAL A 245 9.06 -38.38 1.80
N ASP A 246 8.16 -39.35 1.86
CA ASP A 246 6.92 -39.33 1.09
C ASP A 246 5.74 -39.19 2.06
N ASN A 247 5.06 -38.05 2.02
CA ASN A 247 3.91 -37.82 2.90
C ASN A 247 2.63 -37.47 2.14
N TYR A 248 1.49 -37.68 2.79
CA TYR A 248 0.18 -37.40 2.19
C TYR A 248 -0.29 -35.98 2.52
N LEU B 15 -22.54 -10.49 0.50
CA LEU B 15 -22.25 -9.10 0.01
C LEU B 15 -23.32 -8.57 -0.94
N LEU B 16 -23.56 -7.26 -0.89
CA LEU B 16 -24.53 -6.63 -1.77
C LEU B 16 -23.74 -6.03 -2.95
N VAL B 17 -24.30 -6.14 -4.15
CA VAL B 17 -23.63 -5.61 -5.34
C VAL B 17 -23.93 -4.12 -5.54
N TRP B 18 -22.90 -3.38 -5.95
CA TRP B 18 -23.03 -1.96 -6.20
C TRP B 18 -22.47 -1.61 -7.57
N THR B 19 -22.65 -0.35 -7.97
CA THR B 19 -22.17 0.08 -9.28
C THR B 19 -20.76 0.66 -9.18
N GLY B 20 -20.40 1.16 -8.01
CA GLY B 20 -19.09 1.75 -7.82
C GLY B 20 -17.93 0.79 -7.67
N GLU B 21 -16.73 1.32 -7.87
CA GLU B 21 -15.48 0.56 -7.76
C GLU B 21 -15.36 -0.05 -6.35
N PRO B 22 -14.78 -1.25 -6.26
CA PRO B 22 -14.61 -1.94 -4.98
C PRO B 22 -13.66 -1.23 -4.03
N THR B 23 -13.51 -1.76 -2.82
CA THR B 23 -12.61 -1.19 -1.84
C THR B 23 -11.19 -1.43 -2.32
N THR B 24 -10.47 -0.35 -2.60
CA THR B 24 -9.09 -0.40 -3.08
C THR B 24 -8.30 -1.65 -2.66
N LYS B 25 -7.85 -2.42 -3.64
CA LYS B 25 -7.08 -3.62 -3.37
C LYS B 25 -5.86 -3.22 -2.56
N HIS B 26 -5.52 -4.02 -1.56
CA HIS B 26 -4.38 -3.77 -0.68
C HIS B 26 -4.61 -2.45 0.05
N PHE B 27 -5.85 -2.22 0.44
CA PHE B 27 -6.22 -1.00 1.15
C PHE B 27 -5.37 -0.79 2.40
N SER B 28 -5.28 -1.82 3.23
CA SER B 28 -4.50 -1.73 4.47
C SER B 28 -3.02 -1.47 4.22
N ASP B 29 -2.42 -2.19 3.27
CA ASP B 29 -1.01 -2.00 2.94
C ASP B 29 -0.80 -0.51 2.67
N ILE B 30 -1.67 0.06 1.84
CA ILE B 30 -1.62 1.47 1.45
C ILE B 30 -1.89 2.43 2.62
N PHE B 31 -2.89 2.11 3.43
CA PHE B 31 -3.27 2.94 4.56
C PHE B 31 -2.20 2.96 5.66
N LEU B 32 -1.76 1.79 6.10
CA LEU B 32 -0.74 1.68 7.15
C LEU B 32 0.57 2.22 6.62
N GLY B 33 0.71 2.19 5.31
CA GLY B 33 1.92 2.69 4.69
C GLY B 33 2.00 4.19 4.88
N ARG B 34 1.00 4.89 4.38
CA ARG B 34 0.96 6.34 4.49
C ARG B 34 0.96 6.83 5.93
N CYS B 35 0.06 6.28 6.75
CA CYS B 35 -0.06 6.66 8.17
C CYS B 35 1.27 6.72 8.89
N LEU B 36 2.05 5.65 8.78
CA LEU B 36 3.34 5.60 9.43
C LEU B 36 4.33 6.66 8.95
N ILE B 37 4.56 6.74 7.65
CA ILE B 37 5.52 7.74 7.17
C ILE B 37 5.06 9.16 7.51
N TYR B 38 3.75 9.38 7.48
CA TYR B 38 3.20 10.69 7.80
C TYR B 38 3.49 11.05 9.25
N THR B 39 3.71 10.03 10.08
CA THR B 39 3.98 10.27 11.49
C THR B 39 5.41 9.97 11.93
N GLN B 40 6.23 9.48 11.01
CA GLN B 40 7.63 9.15 11.34
C GLN B 40 8.64 9.93 10.51
N ILE B 41 8.18 10.50 9.40
CA ILE B 41 9.04 11.29 8.52
C ILE B 41 8.40 12.64 8.12
N LEU B 42 7.22 12.58 7.52
CA LEU B 42 6.53 13.80 7.10
C LEU B 42 6.39 14.77 8.28
N ARG B 43 5.54 14.41 9.24
CA ARG B 43 5.27 15.21 10.43
C ARG B 43 5.85 14.50 11.66
N PRO B 44 7.19 14.49 11.81
CA PRO B 44 7.92 13.84 12.90
C PRO B 44 7.19 13.81 14.24
N GLU B 45 6.83 14.97 14.75
CA GLU B 45 6.12 15.10 16.02
C GLU B 45 5.11 13.98 16.29
N MET B 46 4.12 13.85 15.40
CA MET B 46 3.05 12.86 15.52
C MET B 46 3.46 11.39 15.59
N ARG B 47 4.69 11.10 15.99
CA ARG B 47 5.15 9.70 16.07
C ARG B 47 4.65 8.99 17.32
N ASP B 48 3.72 9.62 18.03
CA ASP B 48 3.17 9.03 19.24
C ASP B 48 1.81 8.36 19.04
N GLN B 49 1.15 8.66 17.93
CA GLN B 49 -0.15 8.06 17.65
C GLN B 49 -0.02 6.66 17.08
N ASN B 50 -1.08 5.87 17.19
CA ASN B 50 -1.08 4.49 16.72
C ASN B 50 -1.88 4.27 15.43
N CYS B 51 -1.17 3.87 14.38
CA CYS B 51 -1.77 3.63 13.07
C CYS B 51 -2.77 2.49 13.00
N GLN B 52 -2.42 1.37 13.64
CA GLN B 52 -3.31 0.21 13.66
C GLN B 52 -4.55 0.58 14.49
N GLU B 53 -4.40 1.64 15.27
CA GLU B 53 -5.48 2.13 16.11
C GLU B 53 -6.39 2.99 15.25
N ILE B 54 -5.80 3.94 14.54
CA ILE B 54 -6.61 4.78 13.67
C ILE B 54 -7.25 3.86 12.63
N LEU B 55 -6.46 2.89 12.14
CA LEU B 55 -6.95 1.96 11.14
C LEU B 55 -8.19 1.22 11.61
N SER B 56 -8.10 0.57 12.76
CA SER B 56 -9.25 -0.17 13.28
C SER B 56 -10.39 0.79 13.58
N THR B 57 -10.06 1.93 14.18
CA THR B 57 -11.07 2.93 14.49
C THR B 57 -11.63 3.44 13.17
N PHE B 58 -10.80 3.37 12.13
CA PHE B 58 -11.19 3.79 10.80
C PHE B 58 -12.18 2.75 10.27
N LYS B 59 -11.71 1.51 10.20
CA LYS B 59 -12.50 0.38 9.72
C LYS B 59 -13.76 0.18 10.55
N GLY B 60 -13.68 0.54 11.83
CA GLY B 60 -14.82 0.40 12.71
C GLY B 60 -15.75 1.59 12.64
N ALA B 61 -16.32 1.82 11.45
CA ALA B 61 -17.22 2.95 11.27
C ALA B 61 -18.10 2.75 10.04
N PHE B 62 -17.72 1.80 9.19
CA PHE B 62 -18.45 1.52 7.97
C PHE B 62 -18.65 0.02 7.75
N VAL B 63 -17.84 -0.79 8.44
CA VAL B 63 -17.93 -2.24 8.32
C VAL B 63 -19.17 -2.79 9.00
N SER B 64 -19.74 -3.85 8.40
CA SER B 64 -20.95 -4.48 8.95
C SER B 64 -22.12 -3.51 9.01
N LYS B 65 -22.03 -2.45 8.21
CA LYS B 65 -23.08 -1.42 8.16
C LYS B 65 -23.37 -1.12 6.69
N ASN B 66 -24.64 -0.88 6.36
CA ASN B 66 -25.00 -0.58 4.98
C ASN B 66 -24.23 0.67 4.56
N PRO B 67 -23.37 0.53 3.54
CA PRO B 67 -22.56 1.62 2.99
C PRO B 67 -23.32 2.86 2.51
N CYS B 68 -24.64 2.83 2.58
CA CYS B 68 -25.44 3.98 2.19
C CYS B 68 -26.11 4.52 3.43
N ASP B 69 -25.82 3.87 4.56
CA ASP B 69 -26.40 4.28 5.83
C ASP B 69 -25.31 4.59 6.86
N ILE B 70 -24.27 5.29 6.43
CA ILE B 70 -23.18 5.67 7.32
C ILE B 70 -23.48 7.07 7.84
N THR B 71 -22.99 7.37 9.05
CA THR B 71 -23.26 8.67 9.65
C THR B 71 -22.07 9.43 10.24
N ARG B 72 -22.36 10.65 10.67
CA ARG B 72 -21.39 11.57 11.27
C ARG B 72 -20.64 11.00 12.47
N GLU B 73 -21.37 10.52 13.46
CA GLU B 73 -20.75 9.99 14.66
C GLU B 73 -19.93 8.75 14.37
N ASP B 74 -20.23 8.06 13.27
CA ASP B 74 -19.48 6.87 12.93
C ASP B 74 -17.98 7.18 12.95
N TYR B 75 -17.57 8.27 12.31
CA TYR B 75 -16.16 8.66 12.28
C TYR B 75 -15.76 9.53 13.46
N ALA B 76 -16.72 9.85 14.31
CA ALA B 76 -16.43 10.67 15.47
C ALA B 76 -15.27 10.04 16.24
N PRO B 77 -15.43 8.77 16.65
CA PRO B 77 -14.37 8.07 17.40
C PRO B 77 -12.99 8.28 16.76
N LEU B 78 -12.95 8.23 15.43
CA LEU B 78 -11.71 8.43 14.70
C LEU B 78 -11.23 9.86 14.84
N VAL B 79 -12.07 10.80 14.43
CA VAL B 79 -11.69 12.21 14.54
C VAL B 79 -11.37 12.55 15.97
N LYS B 80 -11.96 11.80 16.90
CA LYS B 80 -11.70 12.04 18.32
C LYS B 80 -10.33 11.51 18.66
N LEU B 81 -9.96 10.38 18.08
CA LEU B 81 -8.65 9.76 18.34
C LEU B 81 -7.45 10.61 17.94
N VAL B 82 -7.41 11.04 16.69
CA VAL B 82 -6.30 11.81 16.19
C VAL B 82 -6.28 13.27 16.67
N THR B 83 -5.08 13.74 16.98
CA THR B 83 -4.87 15.10 17.45
C THR B 83 -3.87 15.76 16.49
N GLN B 84 -4.31 15.90 15.24
CA GLN B 84 -3.49 16.49 14.19
C GLN B 84 -2.95 17.86 14.57
N THR B 85 -1.74 18.15 14.12
CA THR B 85 -1.08 19.43 14.35
C THR B 85 -1.25 20.23 13.07
N ILE B 86 -1.43 21.54 13.19
CA ILE B 86 -1.64 22.37 12.01
C ILE B 86 -1.20 23.83 12.16
N PRO B 87 -0.44 24.34 11.18
CA PRO B 87 0.04 25.72 11.20
C PRO B 87 -1.17 26.66 11.17
N CYS B 88 -0.97 27.94 11.45
CA CYS B 88 -2.11 28.85 11.46
C CYS B 88 -2.50 29.50 10.13
N ASP B 89 -1.74 30.50 9.70
CA ASP B 89 -2.06 31.19 8.45
C ASP B 89 -1.86 30.38 7.19
N LYS B 90 -1.84 29.05 7.31
CA LYS B 90 -1.64 28.21 6.13
C LYS B 90 -2.82 27.34 5.70
N THR B 91 -3.89 27.32 6.50
CA THR B 91 -5.06 26.51 6.16
C THR B 91 -5.69 27.00 4.86
N LEU B 92 -5.95 26.06 3.94
CA LEU B 92 -6.54 26.39 2.65
C LEU B 92 -7.66 25.44 2.23
N PHE B 93 -8.84 26.01 1.99
CA PHE B 93 -9.99 25.22 1.57
C PHE B 93 -10.23 25.47 0.09
N TRP B 94 -11.14 24.70 -0.49
CA TRP B 94 -11.48 24.83 -1.90
C TRP B 94 -12.77 24.04 -2.21
N PHE B 112 -1.33 24.29 3.36
CA PHE B 112 -1.69 22.91 3.08
C PHE B 112 -3.21 22.69 3.04
N THR B 113 -3.65 21.86 2.11
CA THR B 113 -5.07 21.57 1.95
C THR B 113 -5.54 20.47 2.87
N LEU B 114 -6.77 20.00 2.67
CA LEU B 114 -7.32 18.95 3.49
C LEU B 114 -6.57 17.65 3.24
N GLU B 115 -6.11 17.48 2.00
CA GLU B 115 -5.38 16.29 1.62
C GLU B 115 -3.99 16.24 2.23
N ASP B 116 -3.61 17.31 2.93
CA ASP B 116 -2.29 17.37 3.54
C ASP B 116 -2.25 16.92 4.99
N THR B 117 -3.41 16.75 5.59
CA THR B 117 -3.49 16.31 6.98
C THR B 117 -3.22 14.79 7.05
N LEU B 118 -3.03 14.27 8.26
CA LEU B 118 -2.77 12.84 8.39
C LEU B 118 -3.86 12.08 7.67
N LEU B 119 -5.02 11.96 8.32
CA LEU B 119 -6.16 11.25 7.78
C LEU B 119 -6.50 11.65 6.33
N GLY B 120 -6.19 12.88 5.96
CA GLY B 120 -6.48 13.33 4.60
C GLY B 120 -5.46 12.78 3.61
N TYR B 121 -4.22 12.67 4.06
CA TYR B 121 -3.12 12.16 3.26
C TYR B 121 -3.34 10.67 3.01
N ILE B 122 -3.48 9.93 4.10
CA ILE B 122 -3.70 8.49 4.05
C ILE B 122 -4.85 8.14 3.11
N ALA B 123 -6.08 8.41 3.54
CA ALA B 123 -7.27 8.09 2.76
C ALA B 123 -7.38 8.79 1.41
N ASP B 124 -6.46 9.69 1.11
CA ASP B 124 -6.52 10.43 -0.15
C ASP B 124 -6.68 9.57 -1.40
N ASP B 125 -7.70 9.88 -2.19
CA ASP B 125 -8.02 9.21 -3.46
C ASP B 125 -8.41 7.74 -3.40
N LEU B 126 -8.61 7.20 -2.20
CA LEU B 126 -8.97 5.79 -2.08
C LEU B 126 -10.48 5.60 -1.98
N ARG B 127 -10.88 4.34 -1.90
CA ARG B 127 -12.28 3.98 -1.78
C ARG B 127 -12.36 2.86 -0.75
N TRP B 128 -13.51 2.72 -0.12
CA TRP B 128 -13.68 1.71 0.91
C TRP B 128 -15.11 1.70 1.43
N CYS B 129 -15.61 0.52 1.80
CA CYS B 129 -16.96 0.39 2.34
C CYS B 129 -17.12 -0.97 3.01
N GLY B 130 -18.29 -1.19 3.61
CA GLY B 130 -18.52 -2.46 4.28
C GLY B 130 -19.79 -3.17 3.83
N ASP B 131 -20.22 -4.16 4.59
CA ASP B 131 -21.43 -4.92 4.29
C ASP B 131 -22.00 -5.58 5.56
N PRO B 132 -23.32 -5.46 5.76
CA PRO B 132 -24.08 -6.01 6.90
C PRO B 132 -23.74 -7.44 7.33
N SER B 133 -23.33 -8.27 6.37
CA SER B 133 -23.01 -9.66 6.66
C SER B 133 -21.53 -9.95 6.93
N THR B 134 -20.68 -8.94 6.80
CA THR B 134 -19.26 -9.14 7.01
C THR B 134 -18.63 -8.12 7.94
N SER B 135 -17.63 -8.57 8.71
CA SER B 135 -16.92 -7.71 9.65
C SER B 135 -15.64 -7.16 9.04
N ASP B 136 -15.45 -7.42 7.74
CA ASP B 136 -14.27 -6.93 7.03
C ASP B 136 -14.67 -6.26 5.71
N MET B 137 -13.97 -5.17 5.39
CA MET B 137 -14.20 -4.40 4.19
C MET B 137 -14.47 -5.24 2.95
N ASN B 138 -15.47 -4.83 2.17
CA ASN B 138 -15.84 -5.53 0.95
C ASN B 138 -14.97 -5.12 -0.24
N TYR B 139 -14.42 -6.10 -0.95
CA TYR B 139 -13.57 -5.80 -2.08
C TYR B 139 -14.17 -6.09 -3.46
N VAL B 140 -15.45 -6.42 -3.51
CA VAL B 140 -16.10 -6.74 -4.79
C VAL B 140 -16.66 -5.51 -5.52
N SER B 141 -17.33 -4.63 -4.78
CA SER B 141 -17.91 -3.43 -5.36
C SER B 141 -18.51 -2.54 -4.29
N CYS B 142 -18.15 -1.26 -4.29
CA CYS B 142 -18.68 -0.33 -3.31
C CYS B 142 -19.59 0.72 -3.94
N PRO B 143 -20.40 1.39 -3.11
CA PRO B 143 -21.33 2.42 -3.58
C PRO B 143 -20.60 3.70 -4.02
N HIS B 144 -21.27 4.52 -4.82
CA HIS B 144 -20.70 5.77 -5.29
C HIS B 144 -21.74 6.87 -5.09
N TRP B 145 -21.28 8.09 -4.84
CA TRP B 145 -22.18 9.20 -4.59
C TRP B 145 -23.28 9.31 -5.63
N SER B 146 -24.49 9.56 -5.15
CA SER B 146 -25.69 9.72 -5.98
C SER B 146 -26.76 10.29 -5.07
N GLU B 147 -27.64 11.12 -5.63
CA GLU B 147 -28.70 11.72 -4.85
C GLU B 147 -29.39 10.72 -3.92
N ASN B 148 -29.31 9.44 -4.25
CA ASN B 148 -29.95 8.41 -3.44
C ASN B 148 -29.06 7.82 -2.35
N CYS B 149 -27.80 7.57 -2.68
CA CYS B 149 -26.87 7.01 -1.70
C CYS B 149 -25.72 7.99 -1.46
N PRO B 150 -26.05 9.16 -0.90
CA PRO B 150 -25.02 10.17 -0.62
C PRO B 150 -24.26 9.89 0.68
N ASN B 151 -24.89 9.12 1.56
CA ASN B 151 -24.29 8.78 2.86
C ASN B 151 -23.38 7.57 2.80
N ASN B 152 -22.37 7.60 1.94
CA ASN B 152 -21.44 6.47 1.85
C ASN B 152 -20.28 6.70 2.82
N PRO B 153 -19.61 5.62 3.26
CA PRO B 153 -18.48 5.66 4.20
C PRO B 153 -17.40 6.67 3.81
N ILE B 154 -17.22 6.88 2.51
CA ILE B 154 -16.22 7.81 2.01
C ILE B 154 -16.68 9.26 2.15
N THR B 155 -17.83 9.58 1.55
CA THR B 155 -18.38 10.94 1.61
C THR B 155 -18.52 11.41 3.04
N MET B 156 -18.96 10.52 3.92
CA MET B 156 -19.12 10.87 5.32
C MET B 156 -17.74 11.05 5.98
N PHE B 157 -16.73 10.36 5.44
CA PHE B 157 -15.38 10.46 5.99
C PHE B 157 -14.77 11.84 5.78
N TRP B 158 -14.93 12.39 4.58
CA TRP B 158 -14.37 13.69 4.30
C TRP B 158 -15.15 14.81 4.98
N LYS B 159 -16.48 14.72 4.95
CA LYS B 159 -17.31 15.73 5.61
C LYS B 159 -16.91 15.85 7.07
N VAL B 160 -16.47 14.74 7.66
CA VAL B 160 -16.07 14.71 9.05
C VAL B 160 -14.71 15.32 9.33
N ILE B 161 -13.66 14.82 8.68
CA ILE B 161 -12.32 15.35 8.88
C ILE B 161 -12.29 16.78 8.36
N SER B 162 -13.21 17.10 7.45
CA SER B 162 -13.29 18.43 6.86
C SER B 162 -13.80 19.47 7.82
N GLN B 163 -14.74 19.10 8.70
CA GLN B 163 -15.26 20.07 9.64
C GLN B 163 -14.32 20.15 10.83
N LYS B 164 -13.49 19.10 10.99
CA LYS B 164 -12.54 19.09 12.09
C LYS B 164 -11.37 19.94 11.66
N PHE B 165 -11.14 19.95 10.36
CA PHE B 165 -10.06 20.74 9.76
C PHE B 165 -10.37 22.22 10.01
N ALA B 166 -11.59 22.62 9.71
CA ALA B 166 -12.01 24.00 9.89
C ALA B 166 -11.82 24.42 11.34
N GLU B 167 -12.14 23.51 12.25
CA GLU B 167 -12.04 23.74 13.69
C GLU B 167 -10.61 23.92 14.21
N ASP B 168 -9.64 23.29 13.57
CA ASP B 168 -8.24 23.40 14.01
C ASP B 168 -7.53 24.58 13.34
N ALA B 169 -8.23 25.26 12.45
CA ALA B 169 -7.65 26.39 11.74
C ALA B 169 -7.48 27.61 12.66
N CYS B 170 -6.42 28.38 12.43
CA CYS B 170 -6.14 29.57 13.22
C CYS B 170 -5.41 30.59 12.36
N GLY B 171 -5.47 31.85 12.75
CA GLY B 171 -4.81 32.88 11.97
C GLY B 171 -5.65 33.28 10.78
N VAL B 172 -5.06 33.23 9.58
CA VAL B 172 -5.75 33.60 8.35
C VAL B 172 -6.07 32.41 7.45
N VAL B 173 -7.33 31.96 7.52
CA VAL B 173 -7.80 30.85 6.71
C VAL B 173 -8.17 31.37 5.33
N GLN B 174 -7.88 30.58 4.30
CA GLN B 174 -8.18 30.97 2.93
C GLN B 174 -8.96 29.91 2.17
N VAL B 175 -9.80 30.36 1.24
CA VAL B 175 -10.60 29.45 0.43
C VAL B 175 -10.58 29.92 -1.02
N MET B 176 -10.43 28.97 -1.95
CA MET B 176 -10.41 29.29 -3.37
C MET B 176 -11.69 28.87 -4.05
N LEU B 177 -12.56 29.83 -4.35
CA LEU B 177 -13.82 29.53 -5.00
C LEU B 177 -13.70 29.65 -6.52
N ASP B 178 -14.53 28.90 -7.23
CA ASP B 178 -14.53 28.90 -8.69
C ASP B 178 -15.11 30.20 -9.24
N GLY B 179 -14.33 30.90 -10.04
CA GLY B 179 -14.79 32.16 -10.62
C GLY B 179 -15.70 31.92 -11.80
N SER B 180 -15.57 30.74 -12.42
CA SER B 180 -16.38 30.37 -13.57
C SER B 180 -17.74 29.87 -13.08
N LEU B 181 -18.40 30.67 -12.26
CA LEU B 181 -19.72 30.31 -11.72
C LEU B 181 -20.52 31.57 -11.43
N ARG B 182 -21.84 31.43 -11.41
CA ARG B 182 -22.72 32.55 -11.12
C ARG B 182 -22.74 32.75 -9.62
N GLU B 183 -22.65 31.65 -8.89
CA GLU B 183 -22.63 31.68 -7.44
C GLU B 183 -21.41 30.91 -6.95
N PRO B 184 -20.22 31.54 -7.03
CA PRO B 184 -18.97 30.92 -6.60
C PRO B 184 -19.11 30.21 -5.25
N PHE B 185 -19.76 30.86 -4.30
CA PHE B 185 -19.96 30.27 -2.98
C PHE B 185 -21.24 29.44 -2.95
N TYR B 186 -21.13 28.20 -2.48
CA TYR B 186 -22.27 27.31 -2.40
C TYR B 186 -22.30 26.68 -1.01
N LYS B 187 -23.36 26.95 -0.25
CA LYS B 187 -23.50 26.41 1.09
C LYS B 187 -23.60 24.89 1.06
N ASP B 188 -23.85 24.36 -0.12
CA ASP B 188 -23.98 22.92 -0.32
C ASP B 188 -22.74 22.38 -1.04
N SER B 189 -21.59 22.51 -0.39
CA SER B 189 -20.33 22.04 -0.97
C SER B 189 -19.31 21.68 0.11
N THR B 190 -18.05 21.61 -0.29
CA THR B 190 -16.97 21.27 0.64
C THR B 190 -16.50 22.54 1.32
N PHE B 191 -17.45 23.33 1.79
CA PHE B 191 -17.14 24.58 2.48
C PHE B 191 -18.41 25.26 3.00
N GLY B 192 -19.38 25.46 2.11
CA GLY B 192 -20.61 26.10 2.51
C GLY B 192 -21.23 25.57 3.78
N SER B 193 -21.29 24.24 3.90
CA SER B 193 -21.89 23.60 5.06
C SER B 193 -21.19 23.93 6.38
N VAL B 194 -20.91 22.89 7.16
CA VAL B 194 -20.28 23.00 8.47
C VAL B 194 -18.93 23.73 8.49
N GLU B 195 -18.17 23.60 7.41
CA GLU B 195 -16.86 24.22 7.31
C GLU B 195 -16.80 25.65 7.85
N VAL B 196 -17.44 26.58 7.16
CA VAL B 196 -17.45 27.98 7.56
C VAL B 196 -17.97 28.19 8.98
N PHE B 197 -19.05 27.50 9.35
CA PHE B 197 -19.62 27.62 10.69
C PHE B 197 -18.81 26.89 11.75
N SER B 198 -17.80 26.13 11.33
CA SER B 198 -16.98 25.38 12.28
C SER B 198 -15.78 26.20 12.70
N LEU B 199 -15.49 27.25 11.94
CA LEU B 199 -14.37 28.12 12.23
C LEU B 199 -14.53 28.82 13.58
N ASP B 200 -13.60 28.55 14.49
CA ASP B 200 -13.61 29.14 15.82
C ASP B 200 -13.03 30.56 15.78
N PRO B 201 -13.89 31.58 15.99
CA PRO B 201 -13.47 32.98 15.98
C PRO B 201 -12.35 33.33 16.96
N ASN B 202 -12.13 32.49 17.97
CA ASN B 202 -11.07 32.75 18.95
C ASN B 202 -9.68 32.34 18.47
N LYS B 203 -9.62 31.63 17.35
CA LYS B 203 -8.34 31.18 16.78
C LYS B 203 -8.16 31.80 15.40
N VAL B 204 -9.25 31.81 14.64
CA VAL B 204 -9.27 32.34 13.29
C VAL B 204 -9.70 33.80 13.27
N HIS B 205 -8.76 34.69 12.96
CA HIS B 205 -9.04 36.12 12.91
C HIS B 205 -9.60 36.58 11.57
N LYS B 206 -9.39 35.80 10.53
CA LYS B 206 -9.83 36.24 9.21
C LYS B 206 -9.99 35.12 8.17
N LEU B 207 -10.77 35.42 7.13
CA LEU B 207 -11.00 34.48 6.04
C LEU B 207 -10.95 35.20 4.71
N GLN B 208 -9.88 34.94 3.95
CA GLN B 208 -9.73 35.54 2.64
C GLN B 208 -10.20 34.59 1.54
N ALA B 209 -11.20 35.03 0.79
CA ALA B 209 -11.74 34.24 -0.31
C ALA B 209 -11.09 34.71 -1.60
N TRP B 210 -10.66 33.75 -2.41
CA TRP B 210 -10.04 34.07 -3.70
C TRP B 210 -10.91 33.58 -4.84
N VAL B 211 -11.73 34.47 -5.37
CA VAL B 211 -12.60 34.12 -6.49
C VAL B 211 -11.72 34.06 -7.73
N MET B 212 -11.33 32.85 -8.11
CA MET B 212 -10.44 32.69 -9.25
C MET B 212 -11.14 32.44 -10.59
N HIS B 213 -10.71 33.20 -11.59
CA HIS B 213 -11.25 33.11 -12.94
C HIS B 213 -10.23 32.47 -13.88
N SER B 220 -17.24 37.83 -15.34
CA SER B 220 -16.60 38.98 -14.72
C SER B 220 -16.36 38.76 -13.23
N ASN B 221 -16.04 39.84 -12.52
CA ASN B 221 -15.76 39.76 -11.08
C ASN B 221 -16.91 39.10 -10.32
N ALA B 222 -16.59 38.45 -9.20
CA ALA B 222 -17.61 37.76 -8.40
C ALA B 222 -17.59 38.15 -6.92
N CYS B 223 -16.51 38.78 -6.47
CA CYS B 223 -16.41 39.19 -5.07
C CYS B 223 -17.55 40.10 -4.62
N SER B 224 -18.25 40.67 -5.59
CA SER B 224 -19.37 41.57 -5.27
C SER B 224 -20.73 40.99 -5.64
N SER B 225 -20.78 39.69 -5.89
CA SER B 225 -22.04 39.04 -6.26
C SER B 225 -22.87 38.74 -5.01
N SER B 226 -24.12 38.35 -5.22
CA SER B 226 -25.02 38.03 -4.10
C SER B 226 -24.58 36.75 -3.39
N SER B 227 -23.69 36.00 -4.04
CA SER B 227 -23.18 34.75 -3.48
C SER B 227 -22.17 35.04 -2.37
N LEU B 228 -21.16 35.83 -2.69
CA LEU B 228 -20.12 36.18 -1.72
C LEU B 228 -20.65 37.18 -0.70
N ASN B 229 -21.69 37.90 -1.09
CA ASN B 229 -22.31 38.86 -0.19
C ASN B 229 -22.87 38.05 0.96
N GLU B 230 -23.22 36.79 0.66
CA GLU B 230 -23.78 35.88 1.65
C GLU B 230 -22.65 35.32 2.52
N LEU B 231 -21.51 35.01 1.88
CA LEU B 231 -20.36 34.47 2.60
C LEU B 231 -19.87 35.57 3.55
N LYS B 232 -19.60 36.74 2.98
CA LYS B 232 -19.13 37.89 3.74
C LYS B 232 -19.92 38.13 5.03
N MET B 233 -21.24 38.01 4.96
CA MET B 233 -22.09 38.22 6.14
C MET B 233 -21.90 37.18 7.23
N ILE B 234 -21.90 35.91 6.84
CA ILE B 234 -21.74 34.83 7.80
C ILE B 234 -20.43 34.93 8.55
N VAL B 235 -19.36 35.25 7.84
CA VAL B 235 -18.04 35.36 8.45
C VAL B 235 -17.92 36.62 9.33
N GLN B 236 -18.35 37.75 8.79
CA GLN B 236 -18.28 39.00 9.56
C GLN B 236 -19.13 38.90 10.82
N LYS B 237 -20.34 38.38 10.68
CA LYS B 237 -21.24 38.24 11.81
C LYS B 237 -20.72 37.23 12.82
N ARG B 238 -19.75 36.41 12.41
CA ARG B 238 -19.16 35.44 13.31
C ARG B 238 -17.92 36.06 13.94
N ASN B 239 -17.83 37.38 13.84
CA ASN B 239 -16.73 38.13 14.41
C ASN B 239 -15.39 37.78 13.78
N MET B 240 -15.36 37.69 12.47
CA MET B 240 -14.15 37.37 11.73
C MET B 240 -13.99 38.30 10.53
N ILE B 241 -12.77 38.75 10.30
CA ILE B 241 -12.51 39.62 9.17
C ILE B 241 -12.75 38.84 7.89
N PHE B 242 -13.32 39.52 6.89
CA PHE B 242 -13.59 38.92 5.59
C PHE B 242 -12.91 39.73 4.49
N ALA B 243 -12.16 39.04 3.63
CA ALA B 243 -11.47 39.68 2.52
C ALA B 243 -11.71 38.83 1.26
N CYS B 244 -11.90 39.49 0.12
CA CYS B 244 -12.18 38.79 -1.13
C CYS B 244 -11.43 39.43 -2.30
N VAL B 245 -10.70 38.61 -3.04
CA VAL B 245 -9.94 39.09 -4.19
C VAL B 245 -10.30 38.28 -5.43
N ASP B 246 -10.19 38.93 -6.59
CA ASP B 246 -10.48 38.30 -7.87
C ASP B 246 -9.17 38.13 -8.64
N ASN B 247 -8.82 36.88 -8.93
CA ASN B 247 -7.58 36.61 -9.65
C ASN B 247 -7.85 36.10 -11.06
N TYR B 248 -6.79 36.06 -11.86
CA TYR B 248 -6.87 35.60 -13.24
C TYR B 248 -5.57 34.89 -13.62
#